data_7LVS
#
_entry.id   7LVS
#
_cell.length_a   32.061
_cell.length_b   50.112
_cell.length_c   41.255
_cell.angle_alpha   90.000
_cell.angle_beta   99.189
_cell.angle_gamma   90.000
#
_symmetry.space_group_name_H-M   'P 1 21 1'
#
loop_
_entity.id
_entity.type
_entity.pdbx_description
1 polymer 'Histone lysine acetyltransferase CREBBP'
2 polymer 'Cbp/p300-interacting transactivator 2,Hypoxia-inducible factor 1-alpha'
3 non-polymer 'ZINC ION'
4 water water
#
loop_
_entity_poly.entity_id
_entity_poly.type
_entity_poly.pdbx_seq_one_letter_code
_entity_poly.pdbx_strand_id
1 'polypeptide(L)'
;ATGPTADPEKRKLIQQQLVLLLHAHKCQRREQANGEVRACSLPHCRTMKNVLNHMTHCQAGKACQVAHCASSRQIISHWK
NCTRHDCPVCLPLKNASDKR
;
B
2 'polypeptide(L)' GSHMSNVIDTDFIDEEVLMSLVIEMGLDRIKELPELTSYDCEVNAPIQGSRNLLQGEELLRALDQVN F
#
loop_
_chem_comp.id
_chem_comp.type
_chem_comp.name
_chem_comp.formula
ZN non-polymer 'ZINC ION' 'Zn 2'
#
# COMPACT_ATOMS: atom_id res chain seq x y z
N THR A 2 13.79 -4.17 21.67
CA THR A 2 12.81 -4.35 20.61
C THR A 2 13.49 -4.53 19.25
N GLY A 3 14.42 -3.63 18.94
CA GLY A 3 15.12 -3.66 17.68
C GLY A 3 15.67 -2.28 17.33
N PRO A 4 15.89 -2.05 16.03
CA PRO A 4 16.40 -0.73 15.62
C PRO A 4 15.35 0.34 15.81
N THR A 5 15.81 1.59 15.71
CA THR A 5 14.92 2.73 15.86
C THR A 5 14.19 3.00 14.55
N ALA A 6 12.96 3.50 14.66
CA ALA A 6 12.13 3.77 13.50
C ALA A 6 12.55 5.08 12.83
N ASP A 7 12.60 5.05 11.50
CA ASP A 7 13.07 6.19 10.72
C ASP A 7 11.87 6.96 10.19
N PRO A 8 11.75 8.26 10.47
CA PRO A 8 10.61 9.02 9.92
C PRO A 8 10.64 9.12 8.41
N GLU A 9 11.83 9.11 7.80
CA GLU A 9 11.90 9.09 6.34
C GLU A 9 11.32 7.79 5.79
N LYS A 10 11.70 6.66 6.38
CA LYS A 10 11.16 5.38 5.94
C LYS A 10 9.64 5.33 6.12
N ARG A 11 9.14 5.89 7.22
CA ARG A 11 7.70 5.91 7.43
C ARG A 11 6.99 6.67 6.31
N LYS A 12 7.56 7.79 5.87
CA LYS A 12 6.93 8.57 4.82
C LYS A 12 6.88 7.80 3.50
N LEU A 13 7.99 7.15 3.13
CA LEU A 13 8.00 6.35 1.91
C LEU A 13 7.01 5.21 1.98
N ILE A 14 6.82 4.63 3.18
CA ILE A 14 5.87 3.54 3.34
C ILE A 14 4.46 4.03 3.05
N GLN A 15 4.05 5.13 3.68
CA GLN A 15 2.70 5.62 3.46
C GLN A 15 2.53 6.18 2.04
N GLN A 16 3.61 6.60 1.38
CA GLN A 16 3.52 6.95 -0.03
C GLN A 16 3.24 5.72 -0.88
N GLN A 17 3.96 4.63 -0.63
CA GLN A 17 3.71 3.39 -1.35
C GLN A 17 2.32 2.85 -1.04
N LEU A 18 1.90 2.96 0.22
CA LEU A 18 0.56 2.51 0.60
C LEU A 18 -0.51 3.28 -0.16
N VAL A 19 -0.36 4.60 -0.26
CA VAL A 19 -1.33 5.41 -0.99
C VAL A 19 -1.34 5.01 -2.46
N LEU A 20 -0.16 4.75 -3.03
CA LEU A 20 -0.10 4.31 -4.42
C LEU A 20 -0.77 2.95 -4.60
N LEU A 21 -0.57 2.05 -3.65
CA LEU A 21 -1.22 0.74 -3.73
C LEU A 21 -2.73 0.88 -3.63
N LEU A 22 -3.22 1.70 -2.70
CA LEU A 22 -4.65 1.93 -2.60
C LEU A 22 -5.21 2.48 -3.92
N HIS A 23 -4.52 3.46 -4.51
CA HIS A 23 -4.99 3.99 -5.79
C HIS A 23 -5.05 2.89 -6.84
N ALA A 24 -3.94 2.18 -7.04
CA ALA A 24 -3.90 1.15 -8.08
C ALA A 24 -5.04 0.15 -7.91
N HIS A 25 -5.28 -0.30 -6.69
CA HIS A 25 -6.37 -1.25 -6.44
C HIS A 25 -7.71 -0.65 -6.88
N LYS A 26 -8.05 0.54 -6.39
CA LYS A 26 -9.28 1.19 -6.82
C LYS A 26 -9.23 1.52 -8.31
N CYS A 27 -8.05 1.88 -8.82
CA CYS A 27 -7.90 2.11 -10.25
C CYS A 27 -8.23 0.86 -11.05
N GLN A 28 -8.01 -0.33 -10.47
CA GLN A 28 -8.36 -1.58 -11.13
C GLN A 28 -9.80 -1.99 -10.87
N ARG A 29 -10.25 -1.89 -9.61
CA ARG A 29 -11.64 -2.18 -9.30
C ARG A 29 -12.57 -1.29 -10.12
N ARG A 30 -12.14 -0.07 -10.44
CA ARG A 30 -12.93 0.79 -11.32
C ARG A 30 -13.11 0.14 -12.69
N GLU A 31 -12.05 -0.46 -13.22
CA GLU A 31 -12.12 -1.17 -14.49
C GLU A 31 -12.72 -2.56 -14.35
N GLN A 32 -12.69 -3.14 -13.14
CA GLN A 32 -13.28 -4.46 -12.93
C GLN A 32 -14.80 -4.40 -12.97
N ALA A 33 -15.39 -3.29 -12.52
CA ALA A 33 -16.83 -3.08 -12.62
C ALA A 33 -17.20 -2.37 -13.92
N ASN A 34 -16.47 -1.31 -14.26
CA ASN A 34 -16.73 -0.60 -15.51
C ASN A 34 -16.66 -1.54 -16.71
N GLY A 35 -15.50 -2.17 -16.90
CA GLY A 35 -15.32 -3.09 -18.00
C GLY A 35 -14.22 -2.67 -18.96
N GLU A 36 -14.23 -1.41 -19.35
CA GLU A 36 -13.29 -0.90 -20.34
C GLU A 36 -11.94 -0.62 -19.68
N VAL A 37 -10.89 -0.65 -20.51
CA VAL A 37 -9.51 -0.50 -20.04
C VAL A 37 -9.15 0.97 -20.06
N ARG A 38 -8.98 1.56 -18.87
CA ARG A 38 -8.62 2.97 -18.75
C ARG A 38 -7.11 3.14 -18.82
N ALA A 39 -6.69 4.28 -19.36
CA ALA A 39 -5.28 4.62 -19.50
C ALA A 39 -4.94 5.63 -18.39
N CYS A 40 -4.60 5.11 -17.22
CA CYS A 40 -4.25 5.96 -16.10
C CYS A 40 -2.89 6.62 -16.34
N SER A 41 -2.80 7.90 -15.97
CA SER A 41 -1.60 8.69 -16.23
C SER A 41 -0.70 8.87 -15.02
N LEU A 42 -1.12 8.40 -13.85
CA LEU A 42 -0.34 8.62 -12.64
C LEU A 42 0.96 7.82 -12.71
N PRO A 43 2.12 8.44 -12.48
CA PRO A 43 3.37 7.68 -12.58
C PRO A 43 3.41 6.52 -11.59
N HIS A 44 3.80 5.36 -12.10
CA HIS A 44 3.95 4.07 -11.42
C HIS A 44 2.64 3.34 -11.21
N CYS A 45 1.49 3.90 -11.59
CA CYS A 45 0.24 3.19 -11.35
C CYS A 45 0.27 1.82 -12.03
N ARG A 46 0.69 1.78 -13.29
CA ARG A 46 0.85 0.50 -13.99
C ARG A 46 1.73 -0.44 -13.19
N THR A 47 2.85 0.06 -12.67
CA THR A 47 3.77 -0.79 -11.91
C THR A 47 3.07 -1.42 -10.72
N MET A 48 2.43 -0.60 -9.89
CA MET A 48 1.79 -1.14 -8.68
C MET A 48 0.59 -2.01 -9.02
N LYS A 49 -0.10 -1.71 -10.13
CA LYS A 49 -1.17 -2.60 -10.57
C LYS A 49 -0.62 -4.00 -10.82
N ASN A 50 0.49 -4.10 -11.54
CA ASN A 50 1.11 -5.40 -11.81
C ASN A 50 1.67 -6.03 -10.54
N VAL A 51 2.25 -5.21 -9.66
CA VAL A 51 2.70 -5.74 -8.37
C VAL A 51 1.54 -6.41 -7.65
N LEU A 52 0.40 -5.71 -7.55
CA LEU A 52 -0.78 -6.29 -6.92
C LEU A 52 -1.17 -7.60 -7.58
N ASN A 53 -1.24 -7.61 -8.91
CA ASN A 53 -1.63 -8.82 -9.63
C ASN A 53 -0.63 -9.96 -9.41
N HIS A 54 0.67 -9.64 -9.39
CA HIS A 54 1.67 -10.68 -9.11
C HIS A 54 1.55 -11.17 -7.69
N MET A 55 1.31 -10.26 -6.75
CA MET A 55 1.31 -10.59 -5.33
C MET A 55 0.15 -11.50 -4.95
N THR A 56 -0.99 -11.39 -5.65
CA THR A 56 -2.15 -12.21 -5.28
C THR A 56 -1.90 -13.69 -5.56
N HIS A 57 -0.90 -14.03 -6.37
CA HIS A 57 -0.55 -15.42 -6.61
C HIS A 57 0.94 -15.68 -6.42
N CYS A 58 1.65 -14.75 -5.80
CA CYS A 58 3.06 -14.94 -5.48
C CYS A 58 3.20 -15.82 -4.25
N GLN A 59 4.13 -16.77 -4.32
CA GLN A 59 4.34 -17.75 -3.26
C GLN A 59 5.69 -17.61 -2.59
N ALA A 60 6.55 -16.72 -3.06
CA ALA A 60 7.89 -16.58 -2.50
C ALA A 60 7.91 -15.83 -1.17
N GLY A 61 6.83 -15.14 -0.81
CA GLY A 61 6.79 -14.47 0.48
C GLY A 61 7.81 -13.35 0.57
N LYS A 62 8.56 -13.32 1.68
CA LYS A 62 9.56 -12.26 1.87
C LYS A 62 10.69 -12.38 0.88
N ALA A 63 11.11 -13.61 0.57
CA ALA A 63 12.29 -13.85 -0.26
C ALA A 63 12.16 -13.29 -1.68
N CYS A 64 10.94 -12.95 -2.11
CA CYS A 64 10.66 -12.61 -3.50
C CYS A 64 11.62 -11.57 -4.06
N GLN A 65 11.83 -11.64 -5.37
CA GLN A 65 12.74 -10.76 -6.10
C GLN A 65 12.03 -9.60 -6.80
N VAL A 66 10.84 -9.81 -7.37
CA VAL A 66 10.15 -8.73 -8.08
C VAL A 66 10.07 -7.53 -7.14
N ALA A 67 10.60 -6.38 -7.59
CA ALA A 67 10.66 -5.21 -6.73
C ALA A 67 9.26 -4.79 -6.26
N HIS A 68 9.17 -4.44 -4.98
CA HIS A 68 8.00 -3.90 -4.29
C HIS A 68 7.02 -4.98 -3.86
N CYS A 69 7.26 -6.25 -4.21
CA CYS A 69 6.34 -7.31 -3.83
C CYS A 69 6.40 -7.57 -2.32
N ALA A 70 7.59 -7.85 -1.82
CA ALA A 70 7.74 -8.14 -0.39
C ALA A 70 7.38 -6.91 0.45
N SER A 71 7.84 -5.73 0.03
CA SER A 71 7.52 -4.52 0.79
C SER A 71 6.02 -4.24 0.78
N SER A 72 5.37 -4.46 -0.36
CA SER A 72 3.92 -4.22 -0.42
C SER A 72 3.16 -5.19 0.47
N ARG A 73 3.55 -6.47 0.47
CA ARG A 73 2.88 -7.44 1.33
C ARG A 73 3.01 -7.06 2.80
N GLN A 74 4.20 -6.63 3.22
CA GLN A 74 4.40 -6.20 4.60
C GLN A 74 3.60 -4.94 4.90
N ILE A 75 3.52 -4.01 3.95
CA ILE A 75 2.83 -2.75 4.18
C ILE A 75 1.33 -2.98 4.28
N ILE A 76 0.75 -3.66 3.29
CA ILE A 76 -0.68 -3.92 3.30
C ILE A 76 -1.06 -4.73 4.53
N SER A 77 -0.19 -5.65 4.95
CA SER A 77 -0.46 -6.41 6.17
C SER A 77 -0.51 -5.50 7.39
N HIS A 78 0.37 -4.50 7.46
CA HIS A 78 0.29 -3.54 8.56
C HIS A 78 -1.00 -2.74 8.48
N TRP A 79 -1.34 -2.27 7.29
CA TRP A 79 -2.57 -1.52 7.07
C TRP A 79 -3.78 -2.25 7.65
N LYS A 80 -3.88 -3.56 7.42
CA LYS A 80 -5.06 -4.29 7.88
C LYS A 80 -5.05 -4.48 9.39
N ASN A 81 -3.91 -4.84 9.96
CA ASN A 81 -3.84 -5.23 11.36
C ASN A 81 -3.68 -4.05 12.31
N CYS A 82 -3.30 -2.88 11.81
CA CYS A 82 -3.06 -1.72 12.66
C CYS A 82 -4.38 -1.12 13.09
N THR A 83 -4.66 -1.18 14.40
CA THR A 83 -5.83 -0.52 14.97
C THR A 83 -5.48 0.77 15.72
N ARG A 84 -4.22 0.94 16.13
CA ARG A 84 -3.83 2.08 16.95
C ARG A 84 -4.33 3.39 16.33
N HIS A 85 -4.80 4.29 17.18
CA HIS A 85 -5.15 5.62 16.72
C HIS A 85 -3.95 6.55 16.62
N ASP A 86 -2.83 6.20 17.26
CA ASP A 86 -1.65 7.08 17.30
C ASP A 86 -0.51 6.54 16.42
N CYS A 87 -0.83 5.75 15.40
CA CYS A 87 0.21 5.18 14.54
C CYS A 87 0.74 6.23 13.57
N PRO A 88 2.07 6.46 13.53
CA PRO A 88 2.59 7.52 12.66
C PRO A 88 2.46 7.21 11.18
N VAL A 89 2.37 5.94 10.79
CA VAL A 89 2.26 5.60 9.39
C VAL A 89 0.83 5.75 8.90
N CYS A 90 -0.13 5.25 9.66
CA CYS A 90 -1.51 5.19 9.20
C CYS A 90 -2.30 6.47 9.43
N LEU A 91 -2.00 7.19 10.52
CA LEU A 91 -2.86 8.29 10.93
C LEU A 91 -3.19 9.27 9.80
N PRO A 92 -2.23 9.73 8.99
CA PRO A 92 -2.61 10.67 7.91
C PRO A 92 -3.53 10.04 6.89
N LEU A 93 -3.48 8.72 6.73
CA LEU A 93 -4.29 8.01 5.75
C LEU A 93 -5.65 7.62 6.33
N LYS A 94 -5.65 6.86 7.43
CA LYS A 94 -6.91 6.42 8.02
C LYS A 94 -7.76 7.60 8.45
N ASN A 95 -7.12 8.67 8.93
CA ASN A 95 -7.81 9.86 9.40
C ASN A 95 -7.63 11.01 8.40
N ALA A 96 -7.99 10.76 7.14
CA ALA A 96 -7.78 11.75 6.07
C ALA A 96 -8.97 12.69 5.94
N SER A 97 -10.11 12.16 5.47
CA SER A 97 -11.38 12.89 5.43
C SER A 97 -11.38 14.07 4.46
N ASP A 98 -12.53 14.74 4.32
CA ASP A 98 -12.68 15.85 3.39
C ASP A 98 -11.70 16.97 3.74
N THR B 10 -19.73 2.47 5.69
CA THR B 10 -18.72 3.51 5.44
C THR B 10 -17.35 3.01 5.88
N ASP B 11 -17.07 1.74 5.59
CA ASP B 11 -15.77 1.15 5.90
C ASP B 11 -14.76 1.28 4.76
N PHE B 12 -15.23 1.53 3.54
CA PHE B 12 -14.34 1.61 2.38
C PHE B 12 -13.88 3.05 2.19
N ILE B 13 -12.62 3.21 1.75
CA ILE B 13 -12.03 4.54 1.60
C ILE B 13 -12.63 5.22 0.37
N ASP B 14 -12.80 6.54 0.46
CA ASP B 14 -13.42 7.30 -0.60
C ASP B 14 -12.39 7.73 -1.64
N GLU B 15 -12.79 7.65 -2.92
CA GLU B 15 -11.86 7.91 -4.02
C GLU B 15 -11.41 9.36 -4.03
N GLU B 16 -12.36 10.29 -3.88
CA GLU B 16 -12.02 11.71 -3.94
C GLU B 16 -10.95 12.06 -2.91
N VAL B 17 -11.09 11.56 -1.68
CA VAL B 17 -10.06 11.81 -0.67
C VAL B 17 -8.74 11.19 -1.08
N LEU B 18 -8.78 9.97 -1.61
CA LEU B 18 -7.55 9.30 -2.01
C LEU B 18 -6.77 10.14 -3.02
N MET B 19 -7.47 10.70 -4.01
CA MET B 19 -6.81 11.54 -5.00
C MET B 19 -6.18 12.77 -4.36
N SER B 20 -6.86 13.36 -3.38
CA SER B 20 -6.25 14.46 -2.63
C SER B 20 -4.96 14.00 -1.97
N LEU B 21 -4.98 12.83 -1.32
CA LEU B 21 -3.77 12.29 -0.72
C LEU B 21 -2.69 12.09 -1.78
N VAL B 22 -3.06 11.52 -2.93
CA VAL B 22 -2.10 11.27 -3.99
C VAL B 22 -1.36 12.55 -4.37
N ILE B 23 -2.10 13.64 -4.54
CA ILE B 23 -1.50 14.89 -4.98
C ILE B 23 -0.76 15.56 -3.83
N GLU B 24 -1.32 15.50 -2.62
CA GLU B 24 -0.69 16.14 -1.48
C GLU B 24 0.63 15.49 -1.11
N MET B 25 0.82 14.22 -1.48
CA MET B 25 2.06 13.50 -1.20
C MET B 25 3.06 13.56 -2.35
N GLY B 26 2.77 14.35 -3.39
CA GLY B 26 3.68 14.47 -4.50
C GLY B 26 3.77 13.23 -5.37
N LEU B 27 2.79 12.34 -5.28
CA LEU B 27 2.81 11.10 -6.05
C LEU B 27 2.42 11.30 -7.50
N ASP B 28 1.88 12.47 -7.86
CA ASP B 28 1.62 12.78 -9.26
C ASP B 28 2.84 13.32 -9.98
N ARG B 29 3.92 13.63 -9.24
CA ARG B 29 5.14 14.14 -9.85
C ARG B 29 6.01 13.01 -10.40
N ILE B 30 6.55 13.23 -11.60
CA ILE B 30 7.40 12.24 -12.26
C ILE B 30 8.67 12.06 -11.43
N LYS B 31 8.77 10.93 -10.72
CA LYS B 31 9.89 10.60 -9.86
C LYS B 31 10.17 9.11 -9.98
N GLU B 32 11.26 8.65 -9.37
CA GLU B 32 11.54 7.23 -9.25
C GLU B 32 10.88 6.68 -7.98
N LEU B 33 10.43 5.42 -8.05
CA LEU B 33 9.76 4.80 -6.93
C LEU B 33 10.79 4.14 -6.02
N PRO B 34 11.02 4.64 -4.80
CA PRO B 34 11.99 4.00 -3.91
C PRO B 34 11.70 2.51 -3.72
N GLU B 35 12.74 1.70 -3.87
CA GLU B 35 12.64 0.25 -3.68
C GLU B 35 12.86 -0.06 -2.20
N LEU B 36 11.78 -0.19 -1.45
CA LEU B 36 11.87 -0.39 -0.01
C LEU B 36 12.20 -1.85 0.30
N THR B 37 13.20 -2.06 1.16
CA THR B 37 13.56 -3.41 1.56
C THR B 37 12.51 -4.00 2.50
N SER B 38 12.42 -5.33 2.51
CA SER B 38 11.53 -6.00 3.45
C SER B 38 11.86 -5.61 4.89
N TYR B 39 13.15 -5.59 5.23
CA TYR B 39 13.57 -5.31 6.59
C TYR B 39 13.09 -3.94 7.07
N ASP B 40 13.19 -2.93 6.22
CA ASP B 40 12.77 -1.59 6.62
C ASP B 40 11.27 -1.56 6.92
N CYS B 41 10.47 -2.23 6.09
CA CYS B 41 9.03 -2.28 6.33
C CYS B 41 8.71 -3.03 7.62
N GLU B 42 9.45 -4.09 7.91
CA GLU B 42 9.23 -4.84 9.15
C GLU B 42 9.44 -3.96 10.38
N VAL B 43 10.34 -2.98 10.28
CA VAL B 43 10.67 -2.13 11.42
C VAL B 43 9.68 -0.98 11.54
N ASN B 44 9.41 -0.30 10.44
CA ASN B 44 8.56 0.89 10.46
C ASN B 44 7.08 0.56 10.30
N ALA B 45 6.74 -0.64 9.85
CA ALA B 45 5.35 -1.06 9.67
C ALA B 45 5.20 -2.49 10.16
N PRO B 46 5.33 -2.70 11.46
CA PRO B 46 5.37 -4.07 11.99
C PRO B 46 4.00 -4.72 12.10
N ILE B 47 4.01 -6.06 12.04
CA ILE B 47 2.83 -6.88 12.22
C ILE B 47 3.03 -7.77 13.45
N GLN B 48 1.93 -8.11 14.12
CA GLN B 48 1.96 -8.89 15.36
C GLN B 48 2.94 -10.05 15.29
N GLY B 49 2.97 -10.75 14.16
CA GLY B 49 3.91 -11.85 13.97
C GLY B 49 3.94 -12.24 12.50
N SER B 50 4.92 -13.10 12.19
CA SER B 50 5.15 -13.50 10.79
C SER B 50 4.01 -14.35 10.24
N ARG B 51 3.16 -14.89 11.11
CA ARG B 51 1.99 -15.66 10.71
C ARG B 51 0.86 -14.78 10.19
N ASN B 52 0.98 -13.46 10.32
CA ASN B 52 -0.05 -12.52 9.91
C ASN B 52 0.25 -11.86 8.57
N LEU B 53 1.25 -12.36 7.83
CA LEU B 53 1.53 -11.87 6.49
C LEU B 53 0.39 -12.27 5.56
N LEU B 54 -0.35 -11.28 5.06
CA LEU B 54 -1.49 -11.57 4.20
C LEU B 54 -1.04 -12.20 2.88
N GLN B 55 -1.89 -13.06 2.34
CA GLN B 55 -1.62 -13.73 1.07
C GLN B 55 -2.89 -13.74 0.24
N GLY B 56 -2.71 -13.85 -1.08
CA GLY B 56 -3.84 -14.03 -1.98
C GLY B 56 -4.90 -12.96 -1.85
N GLU B 57 -6.16 -13.40 -1.82
CA GLU B 57 -7.31 -12.50 -1.78
C GLU B 57 -7.33 -11.63 -0.53
N GLU B 58 -6.69 -12.07 0.55
CA GLU B 58 -6.59 -11.24 1.74
C GLU B 58 -6.01 -9.88 1.41
N LEU B 59 -5.07 -9.84 0.46
CA LEU B 59 -4.42 -8.58 0.06
C LEU B 59 -5.42 -7.59 -0.51
N LEU B 60 -6.23 -8.04 -1.47
CA LEU B 60 -7.22 -7.15 -2.08
C LEU B 60 -8.26 -6.72 -1.06
N ARG B 61 -8.77 -7.66 -0.27
CA ARG B 61 -9.75 -7.34 0.77
C ARG B 61 -9.23 -6.26 1.69
N ALA B 62 -7.95 -6.36 2.09
CA ALA B 62 -7.38 -5.39 3.02
C ALA B 62 -7.37 -3.99 2.44
N LEU B 63 -7.17 -3.86 1.13
CA LEU B 63 -7.15 -2.56 0.48
C LEU B 63 -8.54 -1.99 0.26
N ASP B 64 -9.58 -2.79 0.46
CA ASP B 64 -10.96 -2.29 0.41
C ASP B 64 -11.33 -1.59 1.72
N GLN B 65 -10.93 -2.16 2.85
CA GLN B 65 -11.28 -1.62 4.15
C GLN B 65 -10.36 -0.46 4.53
N VAL B 66 -10.77 0.28 5.58
CA VAL B 66 -9.99 1.39 6.11
C VAL B 66 -10.33 1.52 7.60
N ASN B 67 -10.05 0.48 8.38
CA ASN B 67 -10.39 0.48 9.80
C ASN B 67 -9.81 1.69 10.53
ZN ZN C . -0.39 1.68 11.38
ZN ZN D . -4.24 4.64 -11.70
ZN ZN E . 6.33 -11.86 -5.36
#